data_4AOV
#
_entry.id   4AOV
#
_cell.length_a   61.640
_cell.length_b   98.910
_cell.length_c   71.890
_cell.angle_alpha   90.00
_cell.angle_beta   103.94
_cell.angle_gamma   90.00
#
_symmetry.space_group_name_H-M   'C 1 2 1'
#
loop_
_entity.id
_entity.type
_entity.pdbx_description
1 polymer 'ISOCITRATE DEHYDROGENASE [NADP]'
2 non-polymer 'NADP NICOTINAMIDE-ADENINE-DINUCLEOTIDE PHOSPHATE'
3 non-polymer 'ISOCITRIC ACID'
4 non-polymer 'MAGNESIUM ION'
5 water water
#
_entity_poly.entity_id   1
_entity_poly.type   'polypeptide(L)'
_entity_poly.pdbx_seq_one_letter_code
;MKIQMKTPLVELDGDEMTRVLWPLIKDKLLLPFIDLQTEYYDLGIEERDRTNDQITIDAAEAIKKYGVGVKNATITPNQD
RVEEYGLKEQWKSPNATVRAMLDGTVFRKPIMVKNIKPSVRSWQKPIVVGRHAYGDFYKNAEIFAEAGGKLEIVVTDKNG
KETRQTIMEVDEPAIVQGIHNTVASIGHFARACFEYSLDQKIDCWFATKDTISKQYDQRFKIIFEEIFAQEYKEKFAAAG
IEYFYTLIDDVVARMMKTEGGMLWACKNYDGDVMSDMVASAFGSLAMMSSVLVSPYGYFEYEAAHGTVQRHYYQHLKGER
TSTNPVALIYAWTGALRKRGELDGTPDLCAFCDSLEAITIECIESGYMTGDLARICEPAAIKVLDSIEFIDELGKRLQQL
NK
;
_entity_poly.pdbx_strand_id   A
#
# COMPACT_ATOMS: atom_id res chain seq x y z
N MET A 1 30.32 6.48 16.50
CA MET A 1 29.33 7.50 16.06
C MET A 1 28.18 6.88 15.25
N LYS A 2 27.06 7.59 15.19
CA LYS A 2 25.87 7.12 14.49
C LYS A 2 25.84 7.45 13.00
N ILE A 3 25.10 6.67 12.22
CA ILE A 3 24.94 6.92 10.78
C ILE A 3 24.27 8.28 10.56
N GLN A 4 24.81 9.03 9.60
CA GLN A 4 24.33 10.38 9.30
C GLN A 4 23.43 10.38 8.09
N MET A 5 22.47 11.31 8.06
CA MET A 5 21.59 11.50 6.90
C MET A 5 21.81 12.87 6.29
N LYS A 6 21.69 12.98 4.97
CA LYS A 6 21.89 14.23 4.27
C LYS A 6 20.56 15.02 4.18
N THR A 7 19.49 14.35 3.76
CA THR A 7 18.16 14.94 3.57
C THR A 7 17.19 14.22 4.51
N PRO A 8 16.29 14.96 5.21
CA PRO A 8 15.38 14.29 6.13
C PRO A 8 14.33 13.47 5.38
N LEU A 9 13.76 12.49 6.08
CA LEU A 9 12.66 11.70 5.55
C LEU A 9 11.40 12.46 5.96
N VAL A 10 10.36 12.45 5.15
CA VAL A 10 9.11 13.04 5.62
C VAL A 10 8.37 11.92 6.38
N GLU A 11 8.08 12.14 7.66
CA GLU A 11 7.46 11.11 8.52
C GLU A 11 5.99 11.39 8.81
N LEU A 12 5.09 10.51 8.34
CA LEU A 12 3.66 10.66 8.61
C LEU A 12 3.22 9.68 9.67
N ASP A 13 2.89 10.16 10.87
CA ASP A 13 2.48 9.29 11.99
C ASP A 13 1.00 8.92 11.84
N GLY A 14 0.55 7.91 12.61
CA GLY A 14 -0.81 7.36 12.43
C GLY A 14 -1.49 6.96 13.73
N ASP A 15 -2.25 5.87 13.68
CA ASP A 15 -3.28 5.58 14.66
C ASP A 15 -3.20 4.20 15.31
N GLU A 16 -3.89 4.05 16.44
CA GLU A 16 -4.15 2.76 17.07
C GLU A 16 -2.90 1.88 17.21
N MET A 17 -2.99 0.59 16.85
CA MET A 17 -1.90 -0.33 17.18
C MET A 17 -0.58 0.01 16.50
N THR A 18 -0.66 0.46 15.25
CA THR A 18 0.54 0.89 14.53
C THR A 18 1.17 2.15 15.13
N ARG A 19 0.34 3.03 15.70
CA ARG A 19 0.88 4.18 16.43
C ARG A 19 1.66 3.73 17.65
N VAL A 20 1.17 2.69 18.32
CA VAL A 20 1.87 2.11 19.48
C VAL A 20 3.23 1.59 19.04
N LEU A 21 3.26 0.85 17.92
CA LEU A 21 4.48 0.20 17.45
C LEU A 21 5.52 1.16 16.89
N TRP A 22 5.07 2.28 16.30
CA TRP A 22 5.93 3.26 15.61
C TRP A 22 7.15 3.76 16.43
N PRO A 23 6.93 4.29 17.67
CA PRO A 23 8.05 4.74 18.51
C PRO A 23 8.96 3.63 18.99
N LEU A 24 8.41 2.43 19.21
CA LEU A 24 9.24 1.27 19.56
C LEU A 24 10.23 0.97 18.47
N ILE A 25 9.78 1.11 17.22
CA ILE A 25 10.64 0.83 16.08
C ILE A 25 11.74 1.90 16.02
N LYS A 26 11.37 3.17 16.07
CA LYS A 26 12.36 4.26 16.05
C LYS A 26 13.35 4.13 17.20
N ASP A 27 12.83 3.98 18.41
CA ASP A 27 13.66 4.01 19.62
C ASP A 27 14.60 2.82 19.72
N LYS A 28 14.11 1.66 19.30
CA LYS A 28 14.88 0.43 19.45
C LYS A 28 15.67 0.00 18.23
N LEU A 29 15.18 0.30 17.03
CA LEU A 29 15.78 -0.22 15.80
C LEU A 29 16.52 0.84 14.99
N LEU A 30 16.19 2.11 15.19
CA LEU A 30 16.74 3.16 14.33
C LEU A 30 17.65 4.13 15.07
N LEU A 31 17.11 4.78 16.10
CA LEU A 31 17.79 5.89 16.79
C LEU A 31 19.16 5.53 17.43
N PRO A 32 19.33 4.29 17.96
CA PRO A 32 20.64 3.91 18.51
C PRO A 32 21.74 3.78 17.46
N PHE A 33 21.36 3.77 16.19
CA PHE A 33 22.29 3.47 15.11
C PHE A 33 22.32 4.58 14.05
N ILE A 34 21.31 5.44 14.03
CA ILE A 34 21.19 6.48 13.00
C ILE A 34 20.80 7.78 13.69
N ASP A 35 21.46 8.88 13.33
CA ASP A 35 20.97 10.19 13.77
C ASP A 35 19.87 10.56 12.80
N LEU A 36 18.68 10.04 13.13
CA LEU A 36 17.52 10.09 12.26
C LEU A 36 17.00 11.50 12.10
N GLN A 37 17.00 11.99 10.87
CA GLN A 37 16.39 13.27 10.55
C GLN A 37 15.09 13.04 9.79
N THR A 38 14.00 13.58 10.31
CA THR A 38 12.73 13.51 9.60
C THR A 38 11.98 14.82 9.78
N GLU A 39 11.08 15.11 8.85
CA GLU A 39 10.10 16.17 9.03
C GLU A 39 8.82 15.49 9.48
N TYR A 40 8.40 15.77 10.71
CA TYR A 40 7.36 14.98 11.36
C TYR A 40 5.98 15.60 11.19
N TYR A 41 5.03 14.78 10.74
CA TYR A 41 3.65 15.20 10.59
C TYR A 41 2.75 14.21 11.27
N ASP A 42 1.97 14.66 12.24
CA ASP A 42 1.13 13.73 12.95
C ASP A 42 -0.23 13.60 12.25
N LEU A 43 -0.41 12.48 11.56
CA LEU A 43 -1.69 12.18 10.91
C LEU A 43 -2.60 11.26 11.73
N GLY A 44 -2.36 11.21 13.04
CA GLY A 44 -3.31 10.64 13.99
C GLY A 44 -4.68 11.30 13.81
N ILE A 45 -5.73 10.56 14.14
CA ILE A 45 -7.09 10.99 13.86
C ILE A 45 -7.45 12.29 14.59
N GLU A 46 -6.92 12.44 15.81
CA GLU A 46 -7.17 13.60 16.66
C GLU A 46 -6.51 14.86 16.10
N GLU A 47 -5.27 14.74 15.64
CA GLU A 47 -4.56 15.84 15.00
C GLU A 47 -5.18 16.24 13.63
N ARG A 48 -5.65 15.25 12.88
CA ARG A 48 -6.40 15.54 11.64
C ARG A 48 -7.74 16.21 11.95
N ASP A 49 -8.41 15.73 12.99
CA ASP A 49 -9.67 16.35 13.41
C ASP A 49 -9.42 17.81 13.81
N ARG A 50 -8.40 18.05 14.65
CA ARG A 50 -8.02 19.38 15.10
C ARG A 50 -7.74 20.37 13.96
N THR A 51 -7.05 19.90 12.91
CA THR A 51 -6.58 20.76 11.82
C THR A 51 -7.53 20.72 10.63
N ASN A 52 -8.70 20.11 10.81
CA ASN A 52 -9.68 19.94 9.74
C ASN A 52 -9.09 19.23 8.52
N ASP A 53 -8.21 18.25 8.81
CA ASP A 53 -7.47 17.48 7.77
C ASP A 53 -6.37 18.28 7.06
N GLN A 54 -6.05 19.47 7.55
CA GLN A 54 -5.06 20.29 6.87
C GLN A 54 -3.67 19.66 6.98
N ILE A 55 -3.39 19.03 8.12
CA ILE A 55 -2.09 18.38 8.34
C ILE A 55 -1.79 17.28 7.29
N THR A 56 -2.85 16.68 6.73
CA THR A 56 -2.68 15.63 5.74
C THR A 56 -2.13 16.24 4.46
N ILE A 57 -2.74 17.35 4.05
CA ILE A 57 -2.28 18.13 2.90
C ILE A 57 -0.85 18.61 3.11
N ASP A 58 -0.56 19.20 4.25
CA ASP A 58 0.80 19.66 4.56
C ASP A 58 1.86 18.56 4.43
N ALA A 59 1.51 17.35 4.86
CA ALA A 59 2.43 16.21 4.83
C ALA A 59 2.69 15.76 3.39
N ALA A 60 1.63 15.76 2.59
CA ALA A 60 1.75 15.43 1.19
C ALA A 60 2.63 16.42 0.42
N GLU A 61 2.45 17.72 0.70
CA GLU A 61 3.27 18.77 0.06
C GLU A 61 4.75 18.65 0.43
N ALA A 62 5.02 18.26 1.67
CA ALA A 62 6.39 18.04 2.17
C ALA A 62 7.08 16.84 1.50
N ILE A 63 6.30 15.80 1.21
CA ILE A 63 6.85 14.66 0.43
C ILE A 63 7.26 15.10 -0.97
N LYS A 64 6.44 15.97 -1.57
CA LYS A 64 6.76 16.55 -2.85
C LYS A 64 8.07 17.35 -2.72
N LYS A 65 8.18 18.13 -1.65
CA LYS A 65 9.37 18.94 -1.39
C LYS A 65 10.69 18.16 -1.25
N TYR A 66 10.71 17.10 -0.42
CA TYR A 66 11.92 16.34 -0.13
C TYR A 66 12.10 15.09 -1.00
N GLY A 67 11.00 14.49 -1.42
CA GLY A 67 11.04 13.39 -2.38
C GLY A 67 10.62 12.03 -1.87
N VAL A 68 10.82 11.79 -0.57
CA VAL A 68 10.61 10.47 0.02
C VAL A 68 9.85 10.56 1.33
N GLY A 69 8.73 9.84 1.43
CA GLY A 69 7.97 9.79 2.68
C GLY A 69 7.84 8.39 3.26
N VAL A 70 7.59 8.32 4.56
CA VAL A 70 7.30 7.06 5.24
C VAL A 70 6.03 7.27 6.04
N LYS A 71 5.02 6.44 5.80
CA LYS A 71 3.71 6.65 6.40
C LYS A 71 3.25 5.50 7.32
N ASN A 72 2.80 5.87 8.52
CA ASN A 72 2.18 4.94 9.47
C ASN A 72 0.71 4.75 9.04
N ALA A 73 0.11 3.61 9.40
CA ALA A 73 -1.30 3.32 9.08
C ALA A 73 -2.25 4.25 9.85
N THR A 74 -3.33 4.67 9.19
CA THR A 74 -4.24 5.68 9.73
C THR A 74 -5.67 5.14 9.71
N ILE A 75 -6.50 5.62 10.65
CA ILE A 75 -7.96 5.42 10.59
C ILE A 75 -8.59 6.30 9.49
N THR A 76 -9.36 5.67 8.60
CA THR A 76 -10.32 6.41 7.77
C THR A 76 -11.68 6.29 8.43
N PRO A 77 -12.23 7.42 8.93
CA PRO A 77 -13.48 7.41 9.68
C PRO A 77 -14.75 7.17 8.87
N ASN A 78 -15.55 6.21 9.34
CA ASN A 78 -16.94 6.02 8.91
C ASN A 78 -17.80 6.58 10.07
N GLN A 79 -19.10 6.31 10.08
CA GLN A 79 -19.93 6.84 11.20
C GLN A 79 -19.60 6.23 12.56
N ASP A 80 -19.25 4.94 12.60
CA ASP A 80 -18.79 4.32 13.84
C ASP A 80 -17.61 5.08 14.43
N ARG A 81 -16.67 5.45 13.58
CA ARG A 81 -15.47 6.18 14.01
C ARG A 81 -15.77 7.62 14.44
N VAL A 82 -16.74 8.26 13.79
CA VAL A 82 -17.19 9.61 14.22
C VAL A 82 -17.72 9.56 15.67
N GLU A 83 -18.59 8.59 15.95
CA GLU A 83 -19.10 8.35 17.30
C GLU A 83 -17.97 8.00 18.27
N GLU A 84 -17.08 7.10 17.85
CA GLU A 84 -16.01 6.61 18.70
C GLU A 84 -15.04 7.70 19.16
N TYR A 85 -14.64 8.58 18.25
CA TYR A 85 -13.64 9.61 18.57
C TYR A 85 -14.24 11.01 18.71
N GLY A 86 -15.56 11.15 18.55
CA GLY A 86 -16.23 12.46 18.67
C GLY A 86 -15.77 13.44 17.61
N LEU A 87 -15.85 13.01 16.34
CA LEU A 87 -15.24 13.76 15.24
C LEU A 87 -16.19 14.77 14.62
N LYS A 88 -15.63 15.82 14.05
CA LYS A 88 -16.41 16.88 13.39
C LYS A 88 -17.13 16.31 12.17
N GLU A 89 -16.45 15.41 11.45
CA GLU A 89 -17.01 14.80 10.27
C GLU A 89 -16.28 13.50 9.91
N GLN A 90 -16.85 12.77 8.96
CA GLN A 90 -16.18 11.58 8.37
C GLN A 90 -15.12 12.01 7.39
N TRP A 91 -13.94 12.28 7.91
CA TRP A 91 -12.80 12.74 7.15
C TRP A 91 -12.44 11.74 6.04
N LYS A 92 -11.97 12.27 4.91
CA LYS A 92 -11.49 11.44 3.80
C LYS A 92 -10.22 10.72 4.18
N SER A 93 -10.00 9.53 3.61
CA SER A 93 -8.77 8.78 3.82
C SER A 93 -7.52 9.64 3.58
N PRO A 94 -6.59 9.65 4.56
CA PRO A 94 -5.30 10.30 4.35
C PRO A 94 -4.47 9.63 3.27
N ASN A 95 -4.64 8.31 3.07
CA ASN A 95 -4.01 7.59 1.96
C ASN A 95 -4.51 8.09 0.61
N ALA A 96 -5.84 8.20 0.48
CA ALA A 96 -6.50 8.79 -0.69
C ALA A 96 -6.04 10.21 -0.97
N THR A 97 -5.92 11.04 0.05
CA THR A 97 -5.41 12.41 -0.14
C THR A 97 -3.95 12.44 -0.59
N VAL A 98 -3.09 11.70 0.10
CA VAL A 98 -1.66 11.69 -0.23
C VAL A 98 -1.47 11.08 -1.59
N ARG A 99 -2.11 9.95 -1.84
CA ARG A 99 -1.90 9.28 -3.12
C ARG A 99 -2.36 10.16 -4.29
N ALA A 100 -3.47 10.85 -4.13
CA ALA A 100 -3.99 11.78 -5.16
C ALA A 100 -3.01 12.93 -5.46
N MET A 101 -2.29 13.39 -4.45
CA MET A 101 -1.38 14.52 -4.62
C MET A 101 -0.06 14.13 -5.24
N LEU A 102 0.37 12.89 -4.99
CA LEU A 102 1.60 12.38 -5.58
C LEU A 102 1.37 11.73 -6.95
N ASP A 103 0.21 11.05 -7.11
CA ASP A 103 -0.03 10.14 -8.25
C ASP A 103 0.95 8.94 -8.24
N GLY A 104 0.59 7.87 -8.94
CA GLY A 104 1.54 6.78 -9.17
C GLY A 104 0.97 5.39 -9.03
N THR A 105 1.86 4.46 -8.74
CA THR A 105 1.51 3.04 -8.65
C THR A 105 2.09 2.50 -7.33
N VAL A 106 1.27 1.74 -6.60
CA VAL A 106 1.72 1.20 -5.31
C VAL A 106 2.14 -0.25 -5.46
N PHE A 107 3.43 -0.53 -5.30
CA PHE A 107 3.90 -1.89 -5.54
C PHE A 107 3.91 -2.65 -4.24
N ARG A 108 3.12 -3.72 -4.19
CA ARG A 108 2.94 -4.50 -2.96
C ARG A 108 3.44 -5.94 -3.15
N LYS A 109 4.39 -6.33 -2.30
CA LYS A 109 5.11 -7.59 -2.47
C LYS A 109 5.15 -8.35 -1.15
N PRO A 110 4.85 -9.67 -1.16
CA PRO A 110 4.93 -10.45 0.07
C PRO A 110 6.39 -10.45 0.56
N ILE A 111 6.58 -10.50 1.88
CA ILE A 111 7.91 -10.63 2.48
C ILE A 111 8.00 -12.09 2.93
N MET A 112 8.85 -12.85 2.24
CA MET A 112 8.81 -14.28 2.40
C MET A 112 9.84 -14.84 3.37
N VAL A 113 9.44 -15.89 4.07
CA VAL A 113 10.36 -16.59 5.00
C VAL A 113 10.23 -18.08 4.78
N LYS A 114 11.33 -18.83 4.96
CA LYS A 114 11.38 -20.24 4.56
C LYS A 114 10.48 -21.14 5.38
N ASN A 115 10.11 -20.72 6.58
CA ASN A 115 9.27 -21.53 7.47
C ASN A 115 7.75 -21.26 7.41
N ILE A 116 7.31 -20.51 6.40
CA ILE A 116 5.87 -20.37 6.11
C ILE A 116 5.54 -20.71 4.67
N LYS A 117 4.72 -21.76 4.48
CA LYS A 117 4.17 -22.16 3.17
C LYS A 117 2.95 -21.33 2.83
N PRO A 118 2.74 -21.04 1.53
CA PRO A 118 1.58 -20.24 1.13
C PRO A 118 0.29 -21.00 1.33
N SER A 119 -0.80 -20.27 1.56
CA SER A 119 -2.14 -20.84 1.67
C SER A 119 -2.55 -21.49 0.37
N VAL A 120 -2.13 -20.90 -0.74
CA VAL A 120 -2.46 -21.38 -2.07
C VAL A 120 -1.36 -22.35 -2.53
N ARG A 121 -1.75 -23.59 -2.81
CA ARG A 121 -0.80 -24.69 -3.03
C ARG A 121 0.21 -24.40 -4.11
N SER A 122 -0.26 -23.91 -5.25
CA SER A 122 0.60 -23.74 -6.40
C SER A 122 1.59 -22.58 -6.28
N TRP A 123 1.32 -21.61 -5.40
CA TRP A 123 2.21 -20.44 -5.33
C TRP A 123 3.63 -20.81 -4.86
N GLN A 124 4.59 -20.69 -5.77
CA GLN A 124 6.02 -21.00 -5.48
C GLN A 124 6.85 -19.71 -5.53
N LYS A 125 6.36 -18.72 -6.28
CA LYS A 125 7.12 -17.49 -6.51
C LYS A 125 6.27 -16.27 -6.12
N PRO A 126 6.91 -15.19 -5.64
CA PRO A 126 6.13 -14.02 -5.23
C PRO A 126 5.24 -13.45 -6.36
N ILE A 127 4.04 -13.02 -5.97
CA ILE A 127 3.15 -12.23 -6.83
C ILE A 127 3.24 -10.80 -6.30
N VAL A 128 3.52 -9.85 -7.19
CA VAL A 128 3.56 -8.46 -6.81
C VAL A 128 2.26 -7.82 -7.31
N VAL A 129 1.57 -7.08 -6.47
CA VAL A 129 0.39 -6.30 -6.88
C VAL A 129 0.87 -4.88 -7.27
N GLY A 130 0.58 -4.47 -8.51
CA GLY A 130 0.88 -3.13 -8.95
C GLY A 130 -0.42 -2.38 -8.96
N ARG A 131 -0.69 -1.66 -7.88
CA ARG A 131 -1.97 -0.98 -7.65
C ARG A 131 -1.97 0.48 -8.10
N HIS A 132 -2.78 0.80 -9.10
CA HIS A 132 -2.97 2.19 -9.50
C HIS A 132 -3.36 3.04 -8.27
N ALA A 133 -2.57 4.05 -7.94
CA ALA A 133 -2.81 4.84 -6.71
C ALA A 133 -3.81 5.97 -6.87
N TYR A 134 -4.22 6.25 -8.11
CA TYR A 134 -4.99 7.46 -8.42
C TYR A 134 -6.45 7.19 -8.79
N GLY A 135 -7.35 8.04 -8.29
CA GLY A 135 -8.74 8.08 -8.78
C GLY A 135 -9.69 6.94 -8.48
N ASP A 136 -10.61 6.74 -9.41
CA ASP A 136 -11.72 5.80 -9.24
C ASP A 136 -12.46 6.17 -7.97
N PHE A 137 -12.90 5.20 -7.17
CA PHE A 137 -13.77 5.53 -6.02
C PHE A 137 -13.05 6.09 -4.83
N TYR A 138 -11.72 6.19 -4.90
CA TYR A 138 -10.97 6.92 -3.89
C TYR A 138 -11.04 8.45 -3.98
N LYS A 139 -11.80 8.94 -4.97
CA LYS A 139 -12.22 10.35 -5.05
C LYS A 139 -13.66 10.38 -5.58
N ASN A 140 -14.58 9.87 -4.79
CA ASN A 140 -15.94 9.66 -5.31
C ASN A 140 -16.83 10.86 -4.96
N ALA A 141 -17.98 10.95 -5.62
CA ALA A 141 -19.06 11.83 -5.19
C ALA A 141 -20.21 10.88 -4.95
N GLU A 142 -21.00 11.12 -3.94
CA GLU A 142 -22.14 10.25 -3.65
C GLU A 142 -23.31 11.07 -3.17
N ILE A 143 -24.53 10.62 -3.51
CA ILE A 143 -25.76 11.23 -3.06
C ILE A 143 -26.69 10.11 -2.63
N PHE A 144 -27.30 10.31 -1.47
CA PHE A 144 -28.42 9.50 -1.05
C PHE A 144 -29.69 10.21 -1.51
N ALA A 145 -30.24 9.72 -2.62
CA ALA A 145 -31.44 10.29 -3.23
C ALA A 145 -32.67 9.70 -2.51
N GLU A 146 -33.04 10.29 -1.38
N GLU A 146 -33.03 10.30 -1.38
CA GLU A 146 -34.08 9.75 -0.51
CA GLU A 146 -34.09 9.79 -0.49
C GLU A 146 -35.48 9.78 -1.15
C GLU A 146 -35.49 9.81 -1.11
N ALA A 147 -35.68 10.68 -2.10
CA ALA A 147 -36.94 10.75 -2.84
C ALA A 147 -36.81 10.27 -4.28
N GLY A 148 -35.76 9.49 -4.56
CA GLY A 148 -35.53 9.00 -5.93
C GLY A 148 -35.28 10.11 -6.94
N GLY A 149 -35.59 9.84 -8.19
CA GLY A 149 -35.50 10.85 -9.22
C GLY A 149 -34.68 10.38 -10.41
N LYS A 150 -34.30 11.31 -11.28
CA LYS A 150 -33.47 11.01 -12.44
C LYS A 150 -32.06 11.11 -11.94
N LEU A 151 -31.27 10.06 -12.14
CA LEU A 151 -29.89 9.99 -11.65
C LEU A 151 -28.93 10.05 -12.83
N GLU A 152 -28.04 11.05 -12.83
CA GLU A 152 -27.21 11.36 -13.99
C GLU A 152 -25.76 11.59 -13.64
N ILE A 153 -24.89 11.42 -14.63
CA ILE A 153 -23.58 12.07 -14.63
C ILE A 153 -23.59 13.22 -15.65
N VAL A 154 -22.85 14.27 -15.33
CA VAL A 154 -22.86 15.50 -16.11
C VAL A 154 -21.42 15.99 -16.18
N VAL A 155 -20.97 16.32 -17.39
CA VAL A 155 -19.66 16.87 -17.58
C VAL A 155 -19.81 18.23 -18.25
N THR A 156 -19.23 19.28 -17.66
CA THR A 156 -19.27 20.60 -18.28
C THR A 156 -17.85 20.96 -18.64
N ASP A 157 -17.56 21.15 -19.94
CA ASP A 157 -16.21 21.51 -20.36
C ASP A 157 -15.85 22.97 -20.06
N LYS A 158 -14.60 23.37 -20.27
CA LYS A 158 -14.17 24.73 -19.87
C LYS A 158 -14.76 25.86 -20.72
N ASN A 159 -15.45 25.48 -21.80
CA ASN A 159 -16.20 26.43 -22.62
C ASN A 159 -17.72 26.32 -22.44
N GLY A 160 -18.14 25.59 -21.39
CA GLY A 160 -19.55 25.46 -21.05
C GLY A 160 -20.35 24.38 -21.76
N LYS A 161 -19.71 23.55 -22.58
CA LYS A 161 -20.43 22.47 -23.25
C LYS A 161 -20.77 21.34 -22.27
N GLU A 162 -22.05 21.00 -22.23
CA GLU A 162 -22.56 20.03 -21.31
C GLU A 162 -22.79 18.67 -21.97
N THR A 163 -22.26 17.62 -21.36
CA THR A 163 -22.54 16.24 -21.74
C THR A 163 -23.21 15.54 -20.54
N ARG A 164 -24.37 14.94 -20.78
CA ARG A 164 -25.12 14.20 -19.76
C ARG A 164 -25.31 12.73 -20.17
N GLN A 165 -25.35 11.85 -19.15
CA GLN A 165 -25.74 10.46 -19.30
C GLN A 165 -26.53 10.05 -18.08
N THR A 166 -27.64 9.36 -18.32
CA THR A 166 -28.51 8.89 -17.27
C THR A 166 -28.10 7.52 -16.76
N ILE A 167 -27.92 7.43 -15.43
CA ILE A 167 -27.61 6.17 -14.78
C ILE A 167 -28.90 5.34 -14.78
N MET A 168 -29.94 5.92 -14.18
CA MET A 168 -31.21 5.26 -14.01
C MET A 168 -32.20 6.37 -13.60
N GLU A 169 -33.47 6.13 -13.85
CA GLU A 169 -34.53 6.93 -13.24
C GLU A 169 -35.30 6.01 -12.31
N VAL A 170 -35.54 6.47 -11.09
CA VAL A 170 -36.13 5.62 -10.08
C VAL A 170 -37.31 6.32 -9.39
N ASP A 171 -38.24 5.52 -8.90
CA ASP A 171 -39.39 6.01 -8.18
C ASP A 171 -39.36 5.57 -6.71
N GLU A 172 -38.18 5.61 -6.10
CA GLU A 172 -37.96 5.05 -4.76
C GLU A 172 -36.58 5.49 -4.26
N PRO A 173 -36.32 5.43 -2.94
CA PRO A 173 -35.01 5.86 -2.45
C PRO A 173 -33.88 5.03 -3.08
N ALA A 174 -32.80 5.74 -3.44
CA ALA A 174 -31.70 5.14 -4.20
C ALA A 174 -30.43 5.82 -3.74
N ILE A 175 -29.30 5.16 -4.00
CA ILE A 175 -27.98 5.72 -3.71
C ILE A 175 -27.25 5.90 -5.04
N VAL A 176 -26.40 6.93 -5.11
CA VAL A 176 -25.75 7.33 -6.34
C VAL A 176 -24.24 7.55 -6.08
N GLN A 177 -23.39 7.02 -6.97
CA GLN A 177 -21.95 7.23 -6.90
C GLN A 177 -21.39 7.67 -8.27
N GLY A 178 -20.44 8.61 -8.23
CA GLY A 178 -19.72 8.99 -9.42
C GLY A 178 -18.23 8.97 -9.13
N ILE A 179 -17.44 8.50 -10.10
CA ILE A 179 -16.00 8.44 -10.01
C ILE A 179 -15.35 8.88 -11.33
N HIS A 180 -14.05 9.16 -11.29
CA HIS A 180 -13.29 9.53 -12.46
C HIS A 180 -11.88 8.94 -12.46
N ASN A 181 -11.27 8.93 -13.64
CA ASN A 181 -9.82 8.83 -13.72
C ASN A 181 -9.36 9.64 -14.92
N THR A 182 -8.03 9.80 -15.06
CA THR A 182 -7.53 10.59 -16.17
C THR A 182 -6.70 9.74 -17.11
N VAL A 183 -6.77 10.07 -18.40
CA VAL A 183 -5.98 9.37 -19.40
C VAL A 183 -4.50 9.35 -19.05
N ALA A 184 -3.98 10.50 -18.60
CA ALA A 184 -2.55 10.67 -18.28
C ALA A 184 -2.12 9.80 -17.10
N SER A 185 -2.92 9.81 -16.03
CA SER A 185 -2.64 8.94 -14.88
C SER A 185 -2.71 7.45 -15.25
N ILE A 186 -3.73 7.05 -16.00
CA ILE A 186 -3.77 5.66 -16.47
C ILE A 186 -2.53 5.27 -17.26
N GLY A 187 -2.05 6.20 -18.09
CA GLY A 187 -0.84 6.05 -18.90
C GLY A 187 0.43 5.82 -18.08
N HIS A 188 0.63 6.65 -17.05
CA HIS A 188 1.76 6.51 -16.13
C HIS A 188 1.73 5.21 -15.33
N PHE A 189 0.51 4.73 -15.09
CA PHE A 189 0.25 3.44 -14.41
C PHE A 189 0.67 2.27 -15.33
N ALA A 190 0.25 2.28 -16.61
CA ALA A 190 0.71 1.25 -17.55
C ALA A 190 2.22 1.21 -17.61
N ARG A 191 2.85 2.37 -17.76
CA ARG A 191 4.31 2.44 -17.90
C ARG A 191 5.04 1.98 -16.66
N ALA A 192 4.58 2.44 -15.49
CA ALA A 192 5.18 2.00 -14.24
C ALA A 192 5.12 0.49 -14.17
N CYS A 193 4.00 -0.09 -14.57
CA CYS A 193 3.87 -1.54 -14.52
C CYS A 193 4.81 -2.20 -15.49
N PHE A 194 4.84 -1.73 -16.72
CA PHE A 194 5.66 -2.37 -17.75
C PHE A 194 7.17 -2.26 -17.40
N GLU A 195 7.59 -1.08 -16.94
CA GLU A 195 8.95 -0.86 -16.44
C GLU A 195 9.31 -1.80 -15.26
N TYR A 196 8.39 -1.93 -14.30
CA TYR A 196 8.63 -2.80 -13.14
C TYR A 196 8.85 -4.25 -13.60
N SER A 197 7.98 -4.70 -14.50
CA SER A 197 8.07 -6.04 -15.09
C SER A 197 9.45 -6.31 -15.72
N LEU A 198 9.90 -5.34 -16.51
CA LEU A 198 11.20 -5.41 -17.19
C LEU A 198 12.37 -5.42 -16.22
N ASP A 199 12.32 -4.53 -15.24
CA ASP A 199 13.34 -4.46 -14.19
C ASP A 199 13.41 -5.77 -13.40
N GLN A 200 12.25 -6.34 -13.10
CA GLN A 200 12.20 -7.54 -12.27
C GLN A 200 12.17 -8.83 -13.09
N LYS A 201 12.13 -8.69 -14.41
CA LYS A 201 12.05 -9.81 -15.37
C LYS A 201 10.88 -10.77 -15.11
N ILE A 202 9.72 -10.19 -14.80
CA ILE A 202 8.48 -10.94 -14.55
C ILE A 202 7.39 -10.52 -15.56
N ASP A 203 6.47 -11.43 -15.85
CA ASP A 203 5.34 -11.13 -16.72
C ASP A 203 4.48 -10.08 -16.01
N CYS A 204 3.65 -9.39 -16.79
CA CYS A 204 2.69 -8.43 -16.24
C CYS A 204 1.31 -8.92 -16.63
N TRP A 205 0.43 -9.10 -15.65
CA TRP A 205 -0.97 -9.44 -15.86
C TRP A 205 -1.85 -8.21 -15.51
N PHE A 206 -2.82 -7.90 -16.37
CA PHE A 206 -3.80 -6.83 -16.06
C PHE A 206 -5.22 -7.31 -16.42
N ALA A 207 -6.21 -6.80 -15.69
CA ALA A 207 -7.59 -7.17 -15.95
C ALA A 207 -8.54 -6.10 -15.46
N THR A 208 -9.66 -5.94 -16.16
CA THR A 208 -10.74 -5.03 -15.76
C THR A 208 -12.05 -5.73 -16.16
N LYS A 209 -13.18 -5.06 -16.06
CA LYS A 209 -14.42 -5.60 -16.63
C LYS A 209 -14.90 -4.76 -17.80
N ASP A 210 -14.13 -4.77 -18.89
CA ASP A 210 -14.36 -3.83 -20.01
C ASP A 210 -15.62 -4.17 -20.79
N THR A 211 -16.12 -5.40 -20.66
CA THR A 211 -17.38 -5.79 -21.27
C THR A 211 -18.59 -5.11 -20.63
N ILE A 212 -18.45 -4.79 -19.35
CA ILE A 212 -19.52 -4.15 -18.57
C ILE A 212 -19.31 -2.64 -18.52
N SER A 213 -18.07 -2.24 -18.22
CA SER A 213 -17.72 -0.82 -18.19
C SER A 213 -17.04 -0.50 -19.52
N LYS A 214 -17.84 -0.06 -20.48
CA LYS A 214 -17.41 -0.02 -21.90
C LYS A 214 -16.69 1.28 -22.26
N GLN A 215 -16.88 2.34 -21.49
CA GLN A 215 -16.10 3.56 -21.76
C GLN A 215 -15.03 3.81 -20.70
N TYR A 216 -15.21 3.18 -19.54
CA TYR A 216 -14.34 3.49 -18.42
C TYR A 216 -13.26 2.42 -18.31
N ASP A 217 -13.63 1.20 -17.91
CA ASP A 217 -12.70 0.08 -17.79
C ASP A 217 -12.05 -0.21 -19.15
N GLN A 218 -12.84 -0.12 -20.21
CA GLN A 218 -12.28 -0.34 -21.56
C GLN A 218 -11.20 0.68 -21.99
N ARG A 219 -11.26 1.89 -21.47
CA ARG A 219 -10.18 2.87 -21.61
C ARG A 219 -8.88 2.42 -20.95
N PHE A 220 -8.96 1.86 -19.74
CA PHE A 220 -7.78 1.28 -19.14
C PHE A 220 -7.20 0.22 -20.10
N LYS A 221 -8.06 -0.67 -20.63
CA LYS A 221 -7.65 -1.80 -21.43
C LYS A 221 -6.93 -1.35 -22.72
N ILE A 222 -7.56 -0.41 -23.40
CA ILE A 222 -7.04 0.21 -24.64
C ILE A 222 -5.72 0.95 -24.34
N ILE A 223 -5.69 1.75 -23.29
CA ILE A 223 -4.45 2.48 -22.97
C ILE A 223 -3.28 1.51 -22.75
N PHE A 224 -3.49 0.46 -21.94
CA PHE A 224 -2.45 -0.55 -21.71
C PHE A 224 -2.03 -1.21 -23.03
N GLU A 225 -2.98 -1.66 -23.84
CA GLU A 225 -2.61 -2.39 -25.06
C GLU A 225 -1.93 -1.49 -26.10
N GLU A 226 -2.32 -0.21 -26.15
CA GLU A 226 -1.68 0.79 -27.02
C GLU A 226 -0.26 1.12 -26.58
N ILE A 227 -0.10 1.42 -25.29
CA ILE A 227 1.22 1.74 -24.72
C ILE A 227 2.16 0.54 -24.82
N PHE A 228 1.62 -0.65 -24.61
CA PHE A 228 2.43 -1.86 -24.74
C PHE A 228 2.91 -2.08 -26.17
N ALA A 229 2.02 -1.83 -27.14
CA ALA A 229 2.29 -2.09 -28.55
C ALA A 229 3.35 -1.13 -29.05
N GLN A 230 3.11 0.15 -28.78
CA GLN A 230 3.98 1.22 -29.22
C GLN A 230 5.32 1.36 -28.47
N GLU A 231 5.40 0.81 -27.26
CA GLU A 231 6.53 1.09 -26.38
C GLU A 231 7.23 -0.09 -25.71
N TYR A 232 6.54 -1.22 -25.57
CA TYR A 232 7.07 -2.30 -24.73
C TYR A 232 7.13 -3.69 -25.34
N LYS A 233 6.39 -3.92 -26.41
CA LYS A 233 6.31 -5.26 -27.03
C LYS A 233 7.69 -5.88 -27.26
N GLU A 234 8.60 -5.09 -27.84
CA GLU A 234 9.94 -5.57 -28.19
C GLU A 234 10.84 -5.71 -26.97
N LYS A 235 10.83 -4.70 -26.11
CA LYS A 235 11.49 -4.80 -24.81
C LYS A 235 11.09 -6.07 -24.06
N PHE A 236 9.79 -6.37 -24.02
CA PHE A 236 9.28 -7.55 -23.32
C PHE A 236 9.76 -8.84 -23.97
N ALA A 237 9.64 -8.89 -25.28
CA ALA A 237 10.18 -9.99 -26.11
C ALA A 237 11.65 -10.26 -25.77
N ALA A 238 12.45 -9.19 -25.79
CA ALA A 238 13.89 -9.25 -25.46
C ALA A 238 14.19 -9.75 -24.06
N ALA A 239 13.31 -9.46 -23.11
CA ALA A 239 13.52 -9.85 -21.72
C ALA A 239 12.96 -11.22 -21.36
N GLY A 240 12.39 -11.94 -22.34
CA GLY A 240 11.74 -13.24 -22.08
C GLY A 240 10.44 -13.14 -21.28
N ILE A 241 9.77 -12.00 -21.36
CA ILE A 241 8.51 -11.80 -20.62
C ILE A 241 7.32 -11.40 -21.51
N GLU A 242 6.12 -11.52 -20.93
CA GLU A 242 4.87 -11.38 -21.67
C GLU A 242 3.88 -10.44 -20.93
N TYR A 243 3.05 -9.71 -21.68
CA TYR A 243 1.92 -8.97 -21.10
C TYR A 243 0.64 -9.78 -21.34
N PHE A 244 -0.12 -10.03 -20.27
CA PHE A 244 -1.39 -10.77 -20.38
C PHE A 244 -2.59 -9.95 -19.88
N TYR A 245 -3.60 -9.77 -20.74
CA TYR A 245 -4.86 -9.08 -20.34
C TYR A 245 -6.06 -10.04 -20.40
N THR A 246 -6.95 -9.96 -19.41
CA THR A 246 -8.20 -10.71 -19.45
C THR A 246 -9.25 -10.03 -18.56
N LEU A 247 -10.46 -10.59 -18.48
CA LEU A 247 -11.48 -10.02 -17.62
C LEU A 247 -11.11 -10.30 -16.14
N ILE A 248 -11.52 -9.41 -15.25
CA ILE A 248 -11.10 -9.47 -13.83
C ILE A 248 -11.54 -10.76 -13.10
N ASP A 249 -12.73 -11.26 -13.40
CA ASP A 249 -13.14 -12.52 -12.75
C ASP A 249 -12.28 -13.70 -13.21
N ASP A 250 -11.98 -13.73 -14.51
CA ASP A 250 -11.11 -14.74 -15.09
C ASP A 250 -9.72 -14.69 -14.51
N VAL A 251 -9.14 -13.48 -14.40
CA VAL A 251 -7.78 -13.34 -13.87
C VAL A 251 -7.60 -13.90 -12.44
N VAL A 252 -8.57 -13.66 -11.55
N VAL A 252 -8.56 -13.63 -11.55
CA VAL A 252 -8.47 -14.20 -10.18
CA VAL A 252 -8.49 -14.16 -10.19
C VAL A 252 -8.68 -15.71 -10.14
C VAL A 252 -8.63 -15.69 -10.19
N ALA A 253 -9.51 -16.22 -11.05
CA ALA A 253 -9.64 -17.68 -11.24
C ALA A 253 -8.28 -18.31 -11.67
N ARG A 254 -7.65 -17.70 -12.68
CA ARG A 254 -6.34 -18.13 -13.15
C ARG A 254 -5.28 -18.04 -12.06
N MET A 255 -5.40 -17.02 -11.21
CA MET A 255 -4.44 -16.75 -10.14
C MET A 255 -4.40 -17.82 -9.05
N MET A 256 -5.51 -18.50 -8.82
N MET A 256 -5.51 -18.53 -8.85
CA MET A 256 -5.56 -19.55 -7.80
CA MET A 256 -5.59 -19.55 -7.82
C MET A 256 -4.76 -20.78 -8.22
C MET A 256 -4.88 -20.83 -8.25
N LYS A 257 -4.53 -20.90 -9.52
CA LYS A 257 -3.79 -22.05 -10.07
C LYS A 257 -2.36 -21.81 -10.58
N THR A 258 -1.96 -20.55 -10.63
N THR A 258 -1.95 -20.55 -10.63
CA THR A 258 -0.63 -20.17 -11.10
CA THR A 258 -0.60 -20.22 -11.08
C THR A 258 0.45 -20.53 -10.05
C THR A 258 0.46 -20.60 -10.05
N GLU A 259 1.72 -20.58 -10.50
CA GLU A 259 2.85 -20.75 -9.60
C GLU A 259 3.30 -19.38 -9.04
N GLY A 260 2.65 -18.31 -9.51
CA GLY A 260 2.99 -16.96 -9.10
C GLY A 260 4.12 -16.44 -9.95
N GLY A 261 4.89 -15.51 -9.43
CA GLY A 261 6.05 -14.97 -10.16
C GLY A 261 5.74 -13.93 -11.22
N MET A 262 4.57 -13.28 -11.14
CA MET A 262 4.24 -12.20 -12.04
C MET A 262 3.97 -10.89 -11.31
N LEU A 263 3.93 -9.80 -12.09
CA LEU A 263 3.35 -8.54 -11.62
C LEU A 263 1.87 -8.53 -12.00
N TRP A 264 1.01 -8.41 -11.01
CA TRP A 264 -0.43 -8.26 -11.24
C TRP A 264 -0.85 -6.79 -11.14
N ALA A 265 -0.99 -6.13 -12.29
CA ALA A 265 -1.44 -4.75 -12.35
C ALA A 265 -2.94 -4.76 -11.97
N CYS A 266 -3.33 -3.79 -11.14
CA CYS A 266 -4.69 -3.73 -10.61
C CYS A 266 -5.14 -2.26 -10.58
N LYS A 267 -6.35 -2.00 -11.05
CA LYS A 267 -7.02 -0.74 -10.81
C LYS A 267 -7.07 -0.50 -9.31
N ASN A 268 -7.17 0.77 -8.90
CA ASN A 268 -7.06 1.16 -7.47
C ASN A 268 -7.80 0.23 -6.49
N TYR A 269 -9.09 0.03 -6.70
CA TYR A 269 -9.90 -0.82 -5.82
C TYR A 269 -9.46 -2.25 -5.80
N ASP A 270 -9.24 -2.79 -7.00
CA ASP A 270 -8.82 -4.17 -7.17
C ASP A 270 -7.50 -4.36 -6.43
N GLY A 271 -6.63 -3.33 -6.51
CA GLY A 271 -5.30 -3.39 -5.89
C GLY A 271 -5.38 -3.44 -4.37
N ASP A 272 -6.33 -2.69 -3.80
CA ASP A 272 -6.60 -2.75 -2.37
C ASP A 272 -7.03 -4.15 -1.99
N VAL A 273 -8.06 -4.67 -2.63
CA VAL A 273 -8.60 -5.99 -2.27
C VAL A 273 -7.57 -7.08 -2.45
N MET A 274 -6.98 -7.14 -3.64
CA MET A 274 -6.08 -8.24 -3.97
C MET A 274 -4.72 -8.23 -3.29
N SER A 275 -4.17 -7.04 -2.96
CA SER A 275 -2.94 -6.99 -2.16
C SER A 275 -3.19 -7.62 -0.77
N ASP A 276 -4.39 -7.45 -0.20
CA ASP A 276 -4.72 -8.16 1.03
C ASP A 276 -4.84 -9.68 0.78
N MET A 277 -5.53 -10.06 -0.28
N MET A 277 -5.53 -10.08 -0.28
CA MET A 277 -5.66 -11.47 -0.61
CA MET A 277 -5.64 -11.51 -0.57
C MET A 277 -4.27 -12.13 -0.74
C MET A 277 -4.24 -12.15 -0.74
N VAL A 278 -3.39 -11.47 -1.49
CA VAL A 278 -2.03 -11.98 -1.78
C VAL A 278 -1.17 -12.03 -0.51
N ALA A 279 -1.19 -10.95 0.28
CA ALA A 279 -0.39 -10.90 1.52
C ALA A 279 -0.82 -12.06 2.44
N SER A 280 -2.14 -12.22 2.58
CA SER A 280 -2.68 -13.23 3.48
C SER A 280 -2.29 -14.64 3.04
N ALA A 281 -2.47 -14.91 1.75
CA ALA A 281 -2.14 -16.23 1.18
C ALA A 281 -0.68 -16.59 1.29
N PHE A 282 0.20 -15.61 1.12
CA PHE A 282 1.64 -15.86 1.26
C PHE A 282 2.12 -16.04 2.70
N GLY A 283 1.46 -15.37 3.66
CA GLY A 283 1.83 -15.41 5.08
C GLY A 283 0.84 -14.66 5.93
N SER A 284 1.10 -13.39 6.18
CA SER A 284 0.11 -12.54 6.85
C SER A 284 0.12 -11.13 6.29
N LEU A 285 -0.87 -10.34 6.70
CA LEU A 285 -0.94 -8.93 6.28
C LEU A 285 0.31 -8.13 6.61
N ALA A 286 1.05 -8.54 7.63
CA ALA A 286 2.25 -7.85 8.03
C ALA A 286 3.45 -8.22 7.16
N MET A 287 3.35 -9.34 6.46
CA MET A 287 4.47 -9.83 5.67
C MET A 287 4.31 -9.39 4.22
N MET A 288 4.34 -8.08 4.05
CA MET A 288 4.18 -7.42 2.76
C MET A 288 4.78 -6.03 2.80
N SER A 289 5.53 -5.67 1.76
CA SER A 289 5.97 -4.28 1.60
C SER A 289 5.07 -3.52 0.62
N SER A 290 5.09 -2.20 0.72
CA SER A 290 4.25 -1.34 -0.08
C SER A 290 5.03 -0.04 -0.31
N VAL A 291 5.19 0.31 -1.58
CA VAL A 291 5.79 1.58 -1.96
C VAL A 291 5.02 2.22 -3.12
N LEU A 292 4.62 3.47 -2.90
CA LEU A 292 4.06 4.29 -3.98
C LEU A 292 5.22 4.87 -4.79
N VAL A 293 5.23 4.62 -6.11
CA VAL A 293 6.24 5.17 -7.02
C VAL A 293 5.52 6.20 -7.90
N SER A 294 5.85 7.48 -7.72
CA SER A 294 5.16 8.58 -8.42
C SER A 294 5.78 8.84 -9.80
N PRO A 295 4.96 9.14 -10.82
CA PRO A 295 5.64 9.45 -12.08
C PRO A 295 6.41 10.80 -11.99
N TYR A 296 6.20 11.56 -10.93
CA TYR A 296 6.84 12.86 -10.73
C TYR A 296 8.15 12.78 -9.95
N GLY A 297 8.53 11.57 -9.54
CA GLY A 297 9.81 11.28 -8.89
C GLY A 297 9.75 11.07 -7.40
N TYR A 298 8.55 11.11 -6.83
CA TYR A 298 8.36 10.91 -5.40
C TYR A 298 8.22 9.44 -5.05
N PHE A 299 8.51 9.14 -3.79
CA PHE A 299 8.36 7.80 -3.22
C PHE A 299 7.67 7.89 -1.88
N GLU A 300 6.75 6.96 -1.59
CA GLU A 300 6.13 6.89 -0.27
C GLU A 300 6.10 5.43 0.20
N TYR A 301 6.70 5.16 1.36
CA TYR A 301 6.76 3.80 1.92
C TYR A 301 5.73 3.64 3.06
N GLU A 302 5.09 2.48 3.15
CA GLU A 302 3.99 2.26 4.12
C GLU A 302 3.82 0.76 4.34
N ALA A 303 3.00 0.40 5.31
CA ALA A 303 2.52 -0.98 5.44
C ALA A 303 1.32 -1.12 4.51
N ALA A 304 1.01 -2.34 4.07
CA ALA A 304 -0.20 -2.55 3.26
C ALA A 304 -1.43 -2.75 4.13
N HIS A 305 -1.20 -3.23 5.34
CA HIS A 305 -2.28 -3.40 6.30
C HIS A 305 -2.68 -2.06 6.91
N GLY A 306 -3.73 -2.10 7.71
CA GLY A 306 -4.22 -0.93 8.46
C GLY A 306 -3.69 -0.82 9.85
N THR A 307 -4.47 -0.16 10.71
CA THR A 307 -4.05 0.22 12.05
C THR A 307 -4.04 -0.94 13.03
N VAL A 308 -4.57 -2.09 12.60
CA VAL A 308 -4.77 -3.27 13.46
C VAL A 308 -5.60 -2.86 14.68
N GLN A 309 -6.67 -2.11 14.38
CA GLN A 309 -7.73 -1.71 15.31
C GLN A 309 -8.07 -2.75 16.39
N ARG A 310 -8.36 -3.98 15.96
CA ARG A 310 -8.73 -5.09 16.85
C ARG A 310 -7.67 -5.41 17.92
N HIS A 311 -6.39 -5.34 17.54
CA HIS A 311 -5.29 -5.54 18.47
C HIS A 311 -5.18 -4.34 19.42
N TYR A 312 -5.35 -3.13 18.89
CA TYR A 312 -5.36 -1.91 19.70
C TYR A 312 -6.37 -1.98 20.84
N TYR A 313 -7.54 -2.57 20.59
CA TYR A 313 -8.57 -2.76 21.61
C TYR A 313 -8.09 -3.69 22.73
N GLN A 314 -7.36 -4.74 22.36
CA GLN A 314 -6.72 -5.61 23.35
C GLN A 314 -5.67 -4.86 24.14
N HIS A 315 -4.86 -4.07 23.43
CA HIS A 315 -3.84 -3.22 24.05
C HIS A 315 -4.47 -2.28 25.08
N LEU A 316 -5.59 -1.64 24.70
CA LEU A 316 -6.31 -0.75 25.60
C LEU A 316 -6.82 -1.44 26.88
N LYS A 317 -6.98 -2.77 26.84
CA LYS A 317 -7.41 -3.54 28.02
C LYS A 317 -6.25 -4.01 28.90
N GLY A 318 -5.08 -3.40 28.71
CA GLY A 318 -3.89 -3.76 29.48
C GLY A 318 -3.14 -5.00 28.99
N GLU A 319 -3.64 -5.61 27.91
CA GLU A 319 -3.09 -6.86 27.42
C GLU A 319 -1.91 -6.59 26.53
N ARG A 320 -0.85 -7.39 26.71
CA ARG A 320 0.20 -7.46 25.71
C ARG A 320 -0.41 -8.04 24.44
N THR A 321 0.08 -7.61 23.29
CA THR A 321 -0.34 -8.20 22.02
C THR A 321 0.89 -8.70 21.26
N SER A 322 0.64 -9.52 20.27
CA SER A 322 1.70 -10.04 19.42
C SER A 322 1.49 -9.53 17.99
N THR A 323 1.32 -8.21 17.86
CA THR A 323 1.12 -7.59 16.55
C THR A 323 2.48 -7.59 15.84
N ASN A 324 2.45 -7.95 14.56
CA ASN A 324 3.68 -8.09 13.77
C ASN A 324 4.11 -6.74 13.20
N PRO A 325 5.29 -6.22 13.66
CA PRO A 325 5.78 -4.93 13.14
C PRO A 325 6.58 -5.00 11.84
N VAL A 326 6.70 -6.19 11.25
CA VAL A 326 7.55 -6.34 10.06
C VAL A 326 7.28 -5.34 8.94
N ALA A 327 6.01 -5.15 8.57
CA ALA A 327 5.69 -4.22 7.48
C ALA A 327 6.06 -2.77 7.79
N LEU A 328 5.90 -2.37 9.04
CA LEU A 328 6.27 -1.01 9.47
C LEU A 328 7.80 -0.81 9.44
N ILE A 329 8.53 -1.86 9.78
CA ILE A 329 10.00 -1.85 9.78
C ILE A 329 10.49 -1.73 8.33
N TYR A 330 9.96 -2.58 7.44
CA TYR A 330 10.25 -2.54 5.99
C TYR A 330 9.88 -1.21 5.29
N ALA A 331 8.85 -0.51 5.77
CA ALA A 331 8.53 0.85 5.30
C ALA A 331 9.70 1.80 5.66
N TRP A 332 10.16 1.73 6.91
CA TRP A 332 11.31 2.55 7.35
C TRP A 332 12.58 2.19 6.56
N THR A 333 12.89 0.91 6.47
CA THR A 333 14.10 0.49 5.82
C THR A 333 14.04 0.79 4.32
N GLY A 334 12.85 0.67 3.71
CA GLY A 334 12.70 0.95 2.26
C GLY A 334 12.96 2.42 1.97
N ALA A 335 12.40 3.25 2.83
CA ALA A 335 12.46 4.71 2.72
C ALA A 335 13.86 5.23 3.01
N LEU A 336 14.47 4.70 4.08
CA LEU A 336 15.84 5.08 4.44
C LEU A 336 16.84 4.64 3.37
N ARG A 337 16.65 3.46 2.80
CA ARG A 337 17.50 3.00 1.68
C ARG A 337 17.40 3.89 0.44
N LYS A 338 16.17 4.22 0.04
CA LYS A 338 15.92 5.14 -1.09
C LYS A 338 16.53 6.53 -0.85
N ARG A 339 16.36 7.05 0.36
CA ARG A 339 16.93 8.31 0.80
C ARG A 339 18.47 8.29 0.68
N GLY A 340 19.09 7.19 1.11
CA GLY A 340 20.56 7.05 1.05
C GLY A 340 21.10 6.80 -0.35
N GLU A 341 20.23 6.29 -1.23
CA GLU A 341 20.61 6.07 -2.63
C GLU A 341 20.59 7.41 -3.36
N LEU A 342 19.55 8.19 -3.14
CA LEU A 342 19.42 9.52 -3.70
C LEU A 342 20.47 10.50 -3.13
N ASP A 343 20.83 10.33 -1.85
CA ASP A 343 21.72 11.26 -1.15
C ASP A 343 23.20 10.91 -1.29
N GLY A 344 23.48 9.68 -1.74
CA GLY A 344 24.85 9.16 -1.79
C GLY A 344 25.41 8.91 -0.39
N THR A 345 24.61 8.25 0.45
CA THR A 345 25.09 7.85 1.78
C THR A 345 24.90 6.35 1.95
N PRO A 346 25.83 5.56 1.37
CA PRO A 346 25.70 4.10 1.31
C PRO A 346 25.66 3.40 2.67
N ASP A 347 26.24 3.99 3.72
CA ASP A 347 26.15 3.44 5.08
C ASP A 347 24.68 3.30 5.52
N LEU A 348 23.83 4.17 5.01
CA LEU A 348 22.41 4.14 5.38
C LEU A 348 21.73 2.94 4.73
N CYS A 349 21.97 2.76 3.43
CA CYS A 349 21.55 1.60 2.65
C CYS A 349 22.04 0.28 3.24
N ALA A 350 23.31 0.22 3.65
CA ALA A 350 23.85 -1.01 4.27
C ALA A 350 23.15 -1.42 5.57
N PHE A 351 22.86 -0.45 6.44
CA PHE A 351 22.09 -0.70 7.65
C PHE A 351 20.69 -1.23 7.34
N CYS A 352 20.05 -0.68 6.32
CA CYS A 352 18.71 -1.13 5.92
C CYS A 352 18.75 -2.60 5.51
N ASP A 353 19.73 -2.95 4.68
CA ASP A 353 19.97 -4.35 4.30
C ASP A 353 20.13 -5.23 5.54
N SER A 354 20.96 -4.79 6.49
CA SER A 354 21.20 -5.51 7.75
C SER A 354 19.93 -5.74 8.55
N LEU A 355 19.19 -4.67 8.86
CA LEU A 355 17.94 -4.77 9.62
C LEU A 355 16.97 -5.73 8.93
N GLU A 356 16.73 -5.55 7.62
CA GLU A 356 15.90 -6.51 6.89
C GLU A 356 16.36 -7.98 7.05
N ALA A 357 17.65 -8.25 6.83
CA ALA A 357 18.17 -9.62 6.90
C ALA A 357 18.02 -10.23 8.31
N ILE A 358 18.28 -9.40 9.32
CA ILE A 358 18.09 -9.77 10.73
C ILE A 358 16.63 -10.07 11.10
N THR A 359 15.71 -9.37 10.45
CA THR A 359 14.26 -9.60 10.65
C THR A 359 13.87 -10.99 10.15
N ILE A 360 14.31 -11.33 8.94
CA ILE A 360 14.07 -12.63 8.34
C ILE A 360 14.75 -13.74 9.16
N GLU A 361 15.99 -13.52 9.55
CA GLU A 361 16.80 -14.55 10.23
C GLU A 361 16.16 -14.92 11.58
N CYS A 362 15.64 -13.92 12.28
CA CYS A 362 15.01 -14.10 13.58
C CYS A 362 13.73 -14.96 13.49
N ILE A 363 12.86 -14.61 12.54
CA ILE A 363 11.65 -15.40 12.25
C ILE A 363 12.00 -16.83 11.78
N GLU A 364 12.95 -16.94 10.86
CA GLU A 364 13.34 -18.26 10.32
C GLU A 364 14.01 -19.12 11.40
N SER A 365 14.59 -18.48 12.40
CA SER A 365 15.22 -19.24 13.51
C SER A 365 14.22 -19.59 14.61
N GLY A 366 13.01 -19.03 14.54
CA GLY A 366 11.88 -19.55 15.31
C GLY A 366 11.33 -18.62 16.38
N TYR A 367 11.76 -17.36 16.35
CA TYR A 367 11.33 -16.35 17.28
C TYR A 367 10.44 -15.39 16.49
N MET A 368 9.14 -15.40 16.77
CA MET A 368 8.22 -14.69 15.87
C MET A 368 6.94 -14.21 16.57
N THR A 369 6.16 -13.40 15.86
CA THR A 369 4.89 -12.94 16.43
C THR A 369 3.78 -13.96 16.17
N GLY A 370 2.67 -13.81 16.89
CA GLY A 370 1.55 -14.78 16.84
C GLY A 370 0.89 -15.05 15.48
N ASP A 371 0.90 -14.07 14.57
CA ASP A 371 0.32 -14.27 13.23
C ASP A 371 1.12 -15.35 12.45
N LEU A 372 2.44 -15.32 12.62
CA LEU A 372 3.33 -16.26 11.94
C LEU A 372 3.41 -17.60 12.68
N ALA A 373 3.28 -17.56 13.99
CA ALA A 373 3.34 -18.77 14.80
C ALA A 373 2.16 -19.70 14.48
N ARG A 374 1.04 -19.11 14.09
CA ARG A 374 -0.14 -19.89 13.73
C ARG A 374 0.04 -20.73 12.46
N ILE A 375 1.01 -20.36 11.63
CA ILE A 375 1.06 -20.85 10.25
C ILE A 375 2.43 -21.37 9.84
N CYS A 376 3.42 -21.26 10.73
CA CYS A 376 4.78 -21.71 10.41
C CYS A 376 4.94 -23.22 10.55
N GLU A 377 5.94 -23.77 9.86
CA GLU A 377 6.36 -25.17 10.02
C GLU A 377 7.88 -25.26 9.89
N PRO A 378 8.58 -25.82 10.91
CA PRO A 378 8.04 -26.43 12.14
C PRO A 378 7.49 -25.35 13.05
N ALA A 379 6.87 -25.76 14.15
CA ALA A 379 6.35 -24.83 15.15
C ALA A 379 7.43 -23.87 15.71
N ALA A 380 7.00 -22.65 16.07
CA ALA A 380 7.87 -21.61 16.61
C ALA A 380 8.56 -22.06 17.89
N ILE A 381 9.74 -21.51 18.19
CA ILE A 381 10.41 -21.74 19.48
C ILE A 381 9.81 -20.80 20.54
N LYS A 382 9.72 -19.50 20.22
CA LYS A 382 9.06 -18.54 21.10
C LYS A 382 8.08 -17.67 20.33
N VAL A 383 6.92 -17.45 20.94
CA VAL A 383 5.91 -16.54 20.40
C VAL A 383 6.04 -15.21 21.15
N LEU A 384 6.69 -14.25 20.51
CA LEU A 384 7.08 -13.02 21.16
C LEU A 384 5.99 -11.98 21.02
N ASP A 385 5.71 -11.25 22.10
CA ASP A 385 4.79 -10.12 21.97
C ASP A 385 5.48 -9.02 21.15
N SER A 386 4.74 -8.00 20.73
CA SER A 386 5.29 -6.97 19.83
C SER A 386 6.62 -6.38 20.31
N ILE A 387 6.67 -5.97 21.58
N ILE A 387 6.68 -5.97 21.58
CA ILE A 387 7.85 -5.32 22.13
CA ILE A 387 7.88 -5.31 22.12
C ILE A 387 9.05 -6.26 22.29
C ILE A 387 9.06 -6.26 22.27
N GLU A 388 8.76 -7.51 22.64
CA GLU A 388 9.77 -8.57 22.75
C GLU A 388 10.37 -8.91 21.38
N PHE A 389 9.50 -8.99 20.38
CA PHE A 389 9.98 -9.16 19.02
C PHE A 389 10.97 -8.05 18.64
N ILE A 390 10.57 -6.80 18.87
CA ILE A 390 11.39 -5.64 18.50
C ILE A 390 12.69 -5.57 19.30
N ASP A 391 12.64 -5.94 20.58
CA ASP A 391 13.85 -6.02 21.42
C ASP A 391 14.87 -7.04 20.91
N GLU A 392 14.38 -8.19 20.47
CA GLU A 392 15.24 -9.21 19.90
C GLU A 392 15.89 -8.73 18.59
N LEU A 393 15.18 -7.93 17.80
CA LEU A 393 15.80 -7.37 16.59
C LEU A 393 16.89 -6.35 16.95
N GLY A 394 16.62 -5.50 17.94
CA GLY A 394 17.59 -4.49 18.40
C GLY A 394 18.88 -5.14 18.92
N LYS A 395 18.70 -6.22 19.68
CA LYS A 395 19.78 -7.01 20.25
C LYS A 395 20.70 -7.60 19.16
N ARG A 396 20.12 -8.15 18.10
CA ARG A 396 20.91 -8.69 17.00
C ARG A 396 21.64 -7.57 16.28
N LEU A 397 21.01 -6.38 16.25
CA LEU A 397 21.64 -5.20 15.66
C LEU A 397 22.77 -4.69 16.57
N GLN A 398 22.56 -4.70 17.89
CA GLN A 398 23.61 -4.32 18.84
C GLN A 398 24.78 -5.28 18.76
N GLN A 399 24.49 -6.56 18.48
CA GLN A 399 25.53 -7.58 18.38
C GLN A 399 26.27 -7.58 17.03
N LEU A 400 25.75 -6.88 16.02
CA LEU A 400 26.44 -6.77 14.73
C LEU A 400 27.53 -5.72 14.76
N ASN A 401 27.35 -4.71 15.61
C ASN A 401 27.84 -2.35 13.43
N LYS A 402 26.84 -1.55 13.76
CA LYS A 402 25.87 -1.07 12.79
C LYS A 402 25.63 0.43 12.86
#